data_5OCF
#
_entry.id   5OCF
#
_cell.length_a   183.180
_cell.length_b   183.180
_cell.length_c   183.180
_cell.angle_alpha   90.00
_cell.angle_beta   90.00
_cell.angle_gamma   90.00
#
_symmetry.space_group_name_H-M   'I 21 3'
#
loop_
_entity.id
_entity.type
_entity.pdbx_description
1 polymer 'Nitrite reductase, copper-containing'
2 non-polymer 'COPPER (II) ION'
3 non-polymer 'HEME C'
4 non-polymer 'NITRIC OXIDE'
5 water water
#
_entity_poly.entity_id   1
_entity_poly.type   'polypeptide(L)'
_entity_poly.pdbx_seq_one_letter_code
;ASAKLPGDFGPPRGEPIHAVLTSPPLVPPPVNRTYPAKVIVELEVVEKEMQISEGVSYTFWTFGGTVPGSFIRVRQGDTV
EFHLKNHPSSKMPHNIDLHGVTGPGGGAASSFTAPGHESQFTFKALNEGIYVYHCATAPVGMHIANGMYGLILVEPPEGL
PKVDHEYYVMQGDFYTAGKYREKGLQPFDMEKAIDERPSYVLFNGAEGALTGDKALHAKVGETVRIFVGNGGPNLVSSFH
VIGAIFDQVRYEGGTNVQKNVQTTLIPAGGAAVVKFTARVPGSYVLVDHSIFRAFNKGAMAILKIDGAENKLVYSGKELD
SVYLGDRAAPNMSAVTKATQASVSGTLTVQDQVQAGRALFAGTCSVCHQGNGAGLPGVFPPLAKSDFLAADPKRAMNIVL
HGLNGKIKVNGQEYDSVMPPMTQLNDDEVANILTYVLNSWDNPGGRVSAEDVKKVRAQPAPAKAVAEH
;
_entity_poly.pdbx_strand_id   A
#
loop_
_chem_comp.id
_chem_comp.type
_chem_comp.name
_chem_comp.formula
CU non-polymer 'COPPER (II) ION' 'Cu 2'
HEC non-polymer 'HEME C' 'C34 H34 Fe N4 O4'
NO non-polymer 'NITRIC OXIDE' 'N O'
#
# COMPACT_ATOMS: atom_id res chain seq x y z
N LYS A 4 -21.51 36.68 1.22
N LYS A 4 -22.45 35.83 -2.40
CA LYS A 4 -20.11 36.35 0.79
CA LYS A 4 -21.79 35.63 -1.07
C LYS A 4 -20.01 34.90 0.35
C LYS A 4 -20.93 34.37 -1.08
N LEU A 5 -18.86 34.53 -0.20
N LEU A 5 -19.62 34.52 -0.88
CA LEU A 5 -18.57 33.11 -0.51
CA LEU A 5 -18.70 33.37 -0.90
C LEU A 5 -18.40 32.34 0.81
C LEU A 5 -18.41 32.79 0.49
N PRO A 6 -18.10 31.03 0.73
N PRO A 6 -19.02 31.63 0.77
CA PRO A 6 -17.70 30.35 1.96
CA PRO A 6 -18.78 30.86 1.98
C PRO A 6 -16.28 30.75 2.37
C PRO A 6 -17.30 30.48 2.11
N GLY A 7 -15.91 30.48 3.63
N GLY A 7 -16.77 30.53 3.32
CA GLY A 7 -14.58 30.83 4.14
CA GLY A 7 -15.36 30.21 3.55
C GLY A 7 -14.30 32.32 4.17
C GLY A 7 -14.40 31.37 3.37
N ASP A 8 -15.35 33.11 4.41
N ASP A 8 -14.94 32.53 3.03
CA ASP A 8 -15.29 34.58 4.42
CA ASP A 8 -14.18 33.78 2.91
C ASP A 8 -14.80 35.07 5.78
C ASP A 8 -14.13 34.51 4.26
N PHE A 9 -13.54 34.83 6.11
N PHE A 9 -12.99 34.51 4.93
CA PHE A 9 -13.04 35.11 7.48
CA PHE A 9 -12.88 35.09 6.28
C PHE A 9 -12.13 36.32 7.64
C PHE A 9 -12.05 36.38 6.33
N GLY A 10 -11.92 37.05 6.55
N GLY A 10 -11.85 37.02 5.19
CA GLY A 10 -11.09 38.25 6.60
CA GLY A 10 -11.10 38.27 5.18
C GLY A 10 -9.80 38.09 5.82
C GLY A 10 -9.69 38.18 4.62
N PRO A 11 -9.06 39.20 5.65
N PRO A 11 -9.02 39.32 4.55
CA PRO A 11 -7.82 39.22 4.83
CA PRO A 11 -7.65 39.22 4.11
C PRO A 11 -6.68 38.44 5.49
C PRO A 11 -6.79 38.52 5.15
N PRO A 12 -5.64 37.99 4.73
CA PRO A 12 -4.58 37.37 5.53
C PRO A 12 -3.96 38.33 6.56
N ARG A 13 -3.65 37.80 7.76
CA ARG A 13 -3.00 38.58 8.79
CA ARG A 13 -3.05 38.54 8.88
C ARG A 13 -1.66 37.98 9.17
N GLY A 14 -0.82 38.82 9.77
CA GLY A 14 0.49 38.39 10.25
C GLY A 14 1.50 38.21 9.15
N GLU A 15 2.59 37.53 9.51
CA GLU A 15 3.66 37.21 8.59
C GLU A 15 3.25 36.00 7.73
N PRO A 16 3.76 35.91 6.50
CA PRO A 16 3.52 34.68 5.74
C PRO A 16 4.07 33.41 6.43
N ILE A 17 3.37 32.29 6.28
CA ILE A 17 3.77 31.00 6.86
C ILE A 17 4.29 30.09 5.77
N HIS A 18 5.47 29.52 5.96
CA HIS A 18 6.00 28.51 5.06
C HIS A 18 5.48 27.14 5.48
N ALA A 19 4.65 26.53 4.64
N ALA A 19 4.72 26.50 4.60
CA ALA A 19 3.88 25.32 5.02
CA ALA A 19 4.27 25.13 4.86
C ALA A 19 4.75 24.08 5.37
C ALA A 19 5.48 24.21 5.03
N VAL A 20 4.28 23.30 6.34
N VAL A 20 5.45 23.39 6.07
CA VAL A 20 4.94 22.05 6.82
CA VAL A 20 6.31 22.21 6.17
C VAL A 20 4.38 20.90 5.99
C VAL A 20 5.41 21.02 5.87
N LEU A 21 5.22 20.30 5.16
N LEU A 21 5.74 20.22 4.86
CA LEU A 21 4.84 19.10 4.40
CA LEU A 21 4.91 19.10 4.39
C LEU A 21 5.41 17.87 5.12
C LEU A 21 5.51 17.74 4.76
N THR A 22 4.64 16.76 5.09
CA THR A 22 5.11 15.49 5.67
C THR A 22 5.02 14.30 4.73
N SER A 23 5.88 13.31 4.95
CA SER A 23 5.90 12.08 4.17
C SER A 23 4.98 11.03 4.80
N PRO A 24 4.32 10.19 3.96
CA PRO A 24 3.49 9.11 4.51
C PRO A 24 4.32 8.15 5.40
N PRO A 25 3.77 7.58 6.46
CA PRO A 25 2.35 7.66 6.82
C PRO A 25 2.00 8.73 7.83
N LEU A 26 2.81 9.78 7.95
CA LEU A 26 2.60 10.83 8.95
C LEU A 26 1.93 12.07 8.35
N VAL A 27 1.40 12.93 9.23
CA VAL A 27 0.58 14.10 8.91
CA VAL A 27 0.69 14.14 8.81
C VAL A 27 1.24 15.36 9.54
N PRO A 28 1.12 16.55 8.92
CA PRO A 28 1.61 17.74 9.64
C PRO A 28 0.79 18.03 10.89
N PRO A 29 1.36 18.82 11.84
CA PRO A 29 0.58 19.14 13.05
C PRO A 29 -0.64 20.02 12.74
N PRO A 30 -1.65 19.98 13.61
CA PRO A 30 -2.74 20.96 13.49
C PRO A 30 -2.21 22.39 13.45
N VAL A 31 -2.84 23.22 12.60
CA VAL A 31 -2.34 24.59 12.41
C VAL A 31 -2.46 25.46 13.70
N ASN A 32 -3.46 25.16 14.51
CA ASN A 32 -3.64 25.74 15.83
C ASN A 32 -3.63 27.28 15.80
N ARG A 33 -4.55 27.85 15.03
CA ARG A 33 -4.69 29.31 14.99
C ARG A 33 -6.09 29.78 14.67
N THR A 34 -6.35 31.02 15.03
CA THR A 34 -7.70 31.57 14.98
C THR A 34 -7.85 32.66 13.92
N TYR A 35 -6.86 32.84 13.04
CA TYR A 35 -6.89 33.90 12.03
C TYR A 35 -6.49 33.31 10.64
N PRO A 36 -6.95 33.93 9.53
CA PRO A 36 -6.49 33.51 8.21
C PRO A 36 -5.08 33.98 7.89
N ALA A 37 -4.29 33.15 7.19
CA ALA A 37 -2.92 33.48 6.86
C ALA A 37 -2.63 33.34 5.38
N LYS A 38 -1.55 33.99 4.93
CA LYS A 38 -0.91 33.68 3.64
C LYS A 38 0.04 32.50 3.88
N VAL A 39 -0.23 31.36 3.24
CA VAL A 39 0.61 30.16 3.30
C VAL A 39 1.34 29.91 2.01
N ILE A 40 2.66 29.81 2.10
CA ILE A 40 3.51 29.53 0.94
CA ILE A 40 3.53 29.53 0.96
C ILE A 40 3.84 28.01 0.91
N VAL A 41 3.44 27.33 -0.16
CA VAL A 41 3.70 25.90 -0.32
C VAL A 41 4.75 25.70 -1.41
N GLU A 42 5.80 24.94 -1.11
CA GLU A 42 6.83 24.59 -2.09
CA GLU A 42 6.83 24.57 -2.09
C GLU A 42 6.86 23.05 -2.23
N LEU A 43 6.58 22.55 -3.43
CA LEU A 43 6.52 21.11 -3.69
C LEU A 43 7.31 20.80 -4.96
N GLU A 44 8.12 19.76 -4.92
CA GLU A 44 9.00 19.40 -6.04
C GLU A 44 8.71 17.99 -6.58
N VAL A 45 8.58 17.88 -7.91
CA VAL A 45 8.40 16.59 -8.59
C VAL A 45 9.77 15.92 -8.78
N VAL A 46 9.85 14.64 -8.42
CA VAL A 46 11.04 13.81 -8.65
C VAL A 46 10.61 12.48 -9.28
N GLU A 47 11.24 12.12 -10.40
CA GLU A 47 11.05 10.83 -11.04
C GLU A 47 12.19 9.91 -10.54
N LYS A 48 11.87 8.70 -10.06
CA LYS A 48 12.87 7.83 -9.40
C LYS A 48 12.44 6.37 -9.37
N GLU A 49 13.42 5.46 -9.52
CA GLU A 49 13.17 4.03 -9.29
C GLU A 49 13.01 3.73 -7.79
N MET A 50 12.00 2.94 -7.44
CA MET A 50 11.86 2.38 -6.07
C MET A 50 11.35 0.93 -6.19
N GLN A 51 11.45 0.16 -5.09
CA GLN A 51 10.94 -1.19 -5.03
C GLN A 51 9.41 -1.15 -4.80
N ILE A 52 8.66 -1.68 -5.75
CA ILE A 52 7.21 -1.85 -5.61
C ILE A 52 6.87 -3.13 -4.85
N SER A 53 7.77 -4.12 -4.90
CA SER A 53 7.66 -5.40 -4.19
C SER A 53 9.13 -5.92 -4.03
N GLU A 54 9.33 -6.96 -3.25
CA GLU A 54 10.71 -7.44 -3.02
C GLU A 54 11.36 -7.88 -4.35
N GLY A 55 12.49 -7.26 -4.72
CA GLY A 55 13.19 -7.60 -5.98
C GLY A 55 12.50 -7.11 -7.25
N VAL A 56 11.44 -6.26 -7.13
CA VAL A 56 10.72 -5.70 -8.27
C VAL A 56 10.86 -4.16 -8.20
N SER A 57 11.50 -3.57 -9.21
CA SER A 57 11.72 -2.13 -9.29
CA SER A 57 11.67 -2.12 -9.25
CA SER A 57 11.70 -2.13 -9.29
C SER A 57 10.71 -1.51 -10.28
N TYR A 58 10.42 -0.23 -10.09
CA TYR A 58 9.45 0.48 -10.91
C TYR A 58 9.87 1.94 -10.95
N THR A 59 9.70 2.59 -12.09
CA THR A 59 10.03 4.03 -12.20
C THR A 59 8.80 4.85 -11.81
N PHE A 60 8.77 5.30 -10.54
CA PHE A 60 7.71 6.14 -10.03
C PHE A 60 7.92 7.63 -10.40
N TRP A 61 6.81 8.34 -10.59
CA TRP A 61 6.77 9.80 -10.71
C TRP A 61 6.07 10.34 -9.46
N THR A 62 6.76 11.22 -8.71
CA THR A 62 6.37 11.57 -7.33
C THR A 62 6.28 13.06 -7.06
N PHE A 63 5.36 13.44 -6.16
CA PHE A 63 5.34 14.75 -5.54
C PHE A 63 6.14 14.61 -4.19
N GLY A 64 7.38 15.10 -4.14
CA GLY A 64 8.15 15.17 -2.89
C GLY A 64 8.93 13.90 -2.54
N GLY A 65 9.04 12.97 -3.50
CA GLY A 65 9.89 11.79 -3.35
C GLY A 65 9.21 10.52 -2.84
N THR A 66 7.89 10.58 -2.64
CA THR A 66 7.11 9.45 -2.07
C THR A 66 5.81 9.20 -2.84
N VAL A 67 5.26 8.00 -2.67
CA VAL A 67 3.91 7.62 -3.13
C VAL A 67 3.09 7.08 -1.95
N PRO A 68 1.99 7.75 -1.54
CA PRO A 68 1.55 9.04 -2.05
C PRO A 68 2.50 10.21 -1.74
N GLY A 69 2.23 11.35 -2.36
CA GLY A 69 3.04 12.55 -2.23
C GLY A 69 2.94 13.20 -0.86
N SER A 70 3.74 14.23 -0.64
CA SER A 70 3.75 14.96 0.64
C SER A 70 2.36 15.47 1.01
N PHE A 71 2.00 15.32 2.29
CA PHE A 71 0.70 15.77 2.81
C PHE A 71 0.76 17.28 3.05
N ILE A 72 -0.27 18.00 2.60
CA ILE A 72 -0.41 19.47 2.76
C ILE A 72 -1.54 19.77 3.76
N ARG A 73 -1.32 20.68 4.73
CA ARG A 73 -2.32 21.02 5.73
C ARG A 73 -2.50 22.55 5.91
N VAL A 74 -3.69 23.07 5.63
CA VAL A 74 -4.00 24.51 5.71
C VAL A 74 -5.35 24.71 6.42
N ARG A 75 -5.74 25.96 6.61
CA ARG A 75 -7.02 26.32 7.25
C ARG A 75 -8.00 26.93 6.25
N GLN A 76 -9.29 26.58 6.38
CA GLN A 76 -10.34 27.20 5.55
C GLN A 76 -10.24 28.73 5.68
N GLY A 77 -10.22 29.43 4.54
CA GLY A 77 -10.05 30.91 4.51
C GLY A 77 -8.64 31.41 4.28
N ASP A 78 -7.66 30.49 4.30
CA ASP A 78 -6.27 30.85 4.01
C ASP A 78 -6.09 31.17 2.52
N THR A 79 -5.12 32.04 2.22
CA THR A 79 -4.68 32.29 0.86
C THR A 79 -3.41 31.50 0.66
N VAL A 80 -3.42 30.61 -0.32
CA VAL A 80 -2.30 29.72 -0.60
C VAL A 80 -1.54 30.13 -1.85
N GLU A 81 -0.26 30.46 -1.69
CA GLU A 81 0.64 30.72 -2.82
C GLU A 81 1.43 29.46 -3.11
N PHE A 82 1.10 28.80 -4.23
CA PHE A 82 1.56 27.44 -4.53
C PHE A 82 2.72 27.46 -5.53
N HIS A 83 3.88 26.98 -5.09
CA HIS A 83 5.07 26.87 -5.96
C HIS A 83 5.35 25.41 -6.33
N LEU A 84 5.20 25.06 -7.60
CA LEU A 84 5.55 23.73 -8.09
C LEU A 84 6.89 23.76 -8.85
N LYS A 85 7.85 22.97 -8.36
CA LYS A 85 9.14 22.78 -9.04
C LYS A 85 9.20 21.41 -9.70
N ASN A 86 9.83 21.30 -10.86
CA ASN A 86 10.08 20.02 -11.51
C ASN A 86 11.59 19.85 -11.58
N HIS A 87 12.10 18.81 -10.93
CA HIS A 87 13.55 18.61 -10.80
C HIS A 87 14.20 18.46 -12.18
N PRO A 88 15.44 19.00 -12.37
CA PRO A 88 16.06 18.89 -13.73
C PRO A 88 16.34 17.48 -14.25
N SER A 89 16.44 16.50 -13.36
CA SER A 89 16.55 15.10 -13.76
C SER A 89 15.27 14.51 -14.38
N SER A 90 14.12 15.18 -14.23
CA SER A 90 12.87 14.66 -14.83
C SER A 90 12.93 14.66 -16.36
N LYS A 91 12.30 13.64 -16.97
CA LYS A 91 12.13 13.56 -18.43
CA LYS A 91 12.15 13.57 -18.42
C LYS A 91 10.81 14.14 -18.94
N MET A 92 9.78 14.16 -18.08
CA MET A 92 8.44 14.65 -18.45
C MET A 92 8.12 16.00 -17.82
N PRO A 93 7.24 16.80 -18.48
CA PRO A 93 6.62 17.92 -17.84
C PRO A 93 5.51 17.45 -16.89
N HIS A 94 5.14 18.29 -15.93
CA HIS A 94 4.15 17.93 -14.88
C HIS A 94 3.38 19.18 -14.45
N ASN A 95 2.26 18.96 -13.74
CA ASN A 95 1.47 20.05 -13.14
C ASN A 95 0.69 19.52 -11.94
N ILE A 96 -0.23 20.31 -11.39
CA ILE A 96 -1.05 19.85 -10.27
C ILE A 96 -2.48 20.36 -10.33
N ASP A 97 -3.42 19.43 -10.04
CA ASP A 97 -4.86 19.65 -9.85
C ASP A 97 -5.14 19.29 -8.38
N LEU A 98 -5.48 20.27 -7.54
CA LEU A 98 -5.92 20.01 -6.18
C LEU A 98 -7.44 20.02 -6.15
N HIS A 99 -8.06 18.88 -5.80
CA HIS A 99 -9.48 18.90 -5.47
C HIS A 99 -9.68 19.89 -4.30
N GLY A 100 -10.86 20.51 -4.26
CA GLY A 100 -11.15 21.55 -3.27
C GLY A 100 -10.77 22.99 -3.70
N VAL A 101 -9.91 23.15 -4.69
CA VAL A 101 -9.60 24.49 -5.27
C VAL A 101 -10.78 24.98 -6.16
N THR A 102 -11.11 26.27 -6.04
CA THR A 102 -12.14 26.92 -6.84
C THR A 102 -11.44 27.63 -8.00
N GLY A 103 -11.45 27.01 -9.18
CA GLY A 103 -10.77 27.55 -10.36
C GLY A 103 -10.41 26.52 -11.42
N PRO A 104 -10.03 26.96 -12.66
CA PRO A 104 -9.84 26.04 -13.79
CA PRO A 104 -9.87 26.01 -13.76
C PRO A 104 -8.79 24.97 -13.55
N GLY A 105 -9.16 23.70 -13.77
CA GLY A 105 -8.28 22.58 -13.55
C GLY A 105 -7.83 22.33 -12.10
N GLY A 106 -8.49 22.96 -11.12
CA GLY A 106 -8.02 22.96 -9.74
C GLY A 106 -6.57 23.42 -9.60
N GLY A 107 -6.08 24.29 -10.51
CA GLY A 107 -4.68 24.69 -10.57
C GLY A 107 -3.89 24.20 -11.77
N ALA A 108 -4.39 23.18 -12.46
CA ALA A 108 -3.63 22.50 -13.52
C ALA A 108 -3.32 23.41 -14.72
N ALA A 109 -4.26 24.31 -14.97
CA ALA A 109 -4.18 25.29 -16.01
C ALA A 109 -3.03 26.30 -15.80
N SER A 110 -2.60 26.50 -14.54
CA SER A 110 -1.62 27.54 -14.15
C SER A 110 -0.25 26.99 -13.67
N SER A 111 -0.09 25.67 -13.58
CA SER A 111 1.05 25.01 -12.94
C SER A 111 1.85 24.10 -13.88
N PHE A 112 1.67 24.26 -15.20
CA PHE A 112 2.43 23.48 -16.15
CA PHE A 112 2.46 23.49 -16.19
C PHE A 112 3.94 23.82 -16.02
N THR A 113 4.76 22.82 -15.77
CA THR A 113 6.17 23.04 -15.38
C THR A 113 7.11 22.05 -16.06
N ALA A 114 7.99 22.55 -16.93
CA ALA A 114 8.99 21.71 -17.60
C ALA A 114 10.14 21.31 -16.67
N PRO A 115 10.86 20.21 -16.99
CA PRO A 115 12.04 19.83 -16.21
C PRO A 115 13.01 21.01 -16.03
N GLY A 116 13.41 21.28 -14.78
CA GLY A 116 14.28 22.39 -14.43
C GLY A 116 13.60 23.72 -14.18
N HIS A 117 12.26 23.78 -14.29
CA HIS A 117 11.52 25.03 -14.14
C HIS A 117 10.66 24.99 -12.87
N GLU A 118 10.07 26.15 -12.58
CA GLU A 118 9.17 26.35 -11.44
C GLU A 118 7.97 27.20 -11.88
N SER A 119 6.76 26.90 -11.37
CA SER A 119 5.55 27.65 -11.64
CA SER A 119 5.56 27.66 -11.65
C SER A 119 4.94 28.12 -10.34
N GLN A 120 4.11 29.16 -10.40
CA GLN A 120 3.33 29.54 -9.24
CA GLN A 120 3.38 29.68 -9.23
C GLN A 120 1.94 30.06 -9.61
N PHE A 121 0.99 29.75 -8.72
CA PHE A 121 -0.39 30.29 -8.77
C PHE A 121 -0.90 30.45 -7.34
N THR A 122 -1.92 31.30 -7.17
CA THR A 122 -2.49 31.61 -5.86
C THR A 122 -3.99 31.30 -5.80
N PHE A 123 -4.44 30.67 -4.71
CA PHE A 123 -5.86 30.35 -4.51
C PHE A 123 -6.30 30.55 -3.06
N LYS A 124 -7.56 30.90 -2.86
CA LYS A 124 -8.16 30.94 -1.52
CA LYS A 124 -8.14 30.93 -1.51
C LYS A 124 -8.82 29.58 -1.23
N ALA A 125 -8.57 29.03 -0.04
CA ALA A 125 -9.14 27.75 0.36
C ALA A 125 -10.59 27.95 0.91
N LEU A 126 -11.57 28.03 0.01
CA LEU A 126 -12.95 28.30 0.40
C LEU A 126 -13.66 27.11 1.05
N ASN A 127 -13.23 25.90 0.66
CA ASN A 127 -13.93 24.68 0.97
C ASN A 127 -13.15 23.84 2.02
N GLU A 128 -13.73 23.67 3.19
CA GLU A 128 -13.18 22.78 4.23
C GLU A 128 -13.33 21.30 3.77
N GLY A 129 -12.41 20.44 4.22
CA GLY A 129 -12.47 18.98 3.96
C GLY A 129 -11.12 18.34 3.68
N ILE A 130 -11.15 17.02 3.45
CA ILE A 130 -10.00 16.24 2.97
C ILE A 130 -10.15 16.03 1.45
N TYR A 131 -9.07 16.24 0.68
CA TYR A 131 -9.14 16.26 -0.79
C TYR A 131 -7.93 15.58 -1.44
N VAL A 132 -8.16 14.80 -2.49
CA VAL A 132 -7.09 14.30 -3.34
C VAL A 132 -6.49 15.44 -4.20
N TYR A 133 -5.16 15.47 -4.33
CA TYR A 133 -4.48 16.20 -5.42
C TYR A 133 -3.72 15.22 -6.30
N HIS A 134 -3.51 15.63 -7.56
CA HIS A 134 -2.82 14.77 -8.51
C HIS A 134 -2.32 15.55 -9.74
N CYS A 135 -1.42 14.91 -10.48
CA CYS A 135 -0.93 15.47 -11.76
C CYS A 135 -2.06 15.40 -12.81
N ALA A 136 -2.10 16.41 -13.69
CA ALA A 136 -3.09 16.50 -14.77
C ALA A 136 -2.44 16.92 -16.09
N THR A 137 -1.36 16.22 -16.43
CA THR A 137 -0.60 16.44 -17.66
C THR A 137 -0.89 15.27 -18.61
N ALA A 138 -1.25 15.57 -19.86
CA ALA A 138 -1.49 14.53 -20.85
C ALA A 138 -0.26 13.65 -21.12
N PRO A 139 -0.39 12.32 -21.16
CA PRO A 139 -1.64 11.57 -20.89
C PRO A 139 -1.89 11.43 -19.38
N VAL A 140 -3.02 11.98 -18.92
CA VAL A 140 -3.31 12.12 -17.46
C VAL A 140 -3.28 10.76 -16.76
N GLY A 141 -3.87 9.76 -17.39
CA GLY A 141 -3.88 8.41 -16.81
C GLY A 141 -2.50 7.82 -16.53
N MET A 142 -1.55 8.03 -17.44
CA MET A 142 -0.18 7.55 -17.26
C MET A 142 0.49 8.21 -16.03
N HIS A 143 0.35 9.54 -15.93
CA HIS A 143 0.93 10.29 -14.82
C HIS A 143 0.40 9.80 -13.45
N ILE A 144 -0.93 9.64 -13.34
CA ILE A 144 -1.55 9.16 -12.09
C ILE A 144 -1.12 7.72 -11.80
N ALA A 145 -1.16 6.86 -12.81
CA ALA A 145 -0.71 5.44 -12.66
C ALA A 145 0.74 5.31 -12.19
N ASN A 146 1.58 6.28 -12.52
CA ASN A 146 2.98 6.25 -12.09
C ASN A 146 3.22 6.76 -10.66
N GLY A 147 2.16 7.19 -9.95
CA GLY A 147 2.25 7.57 -8.55
C GLY A 147 1.99 9.03 -8.19
N MET A 148 1.55 9.84 -9.16
CA MET A 148 1.42 11.30 -8.93
C MET A 148 0.09 11.68 -8.28
N TYR A 149 -0.02 11.42 -6.97
CA TYR A 149 -1.20 11.78 -6.19
C TYR A 149 -0.85 11.88 -4.71
N GLY A 150 -1.65 12.64 -3.96
CA GLY A 150 -1.54 12.80 -2.51
C GLY A 150 -2.81 13.43 -1.91
N LEU A 151 -2.73 13.87 -0.65
CA LEU A 151 -3.83 14.54 0.04
C LEU A 151 -3.49 15.97 0.53
N ILE A 152 -4.51 16.84 0.45
CA ILE A 152 -4.51 18.15 1.12
C ILE A 152 -5.70 18.21 2.09
N LEU A 153 -5.43 18.59 3.35
CA LEU A 153 -6.47 18.85 4.34
C LEU A 153 -6.68 20.35 4.48
N VAL A 154 -7.94 20.77 4.37
CA VAL A 154 -8.36 22.11 4.68
C VAL A 154 -9.18 22.04 5.98
N GLU A 155 -8.60 22.50 7.09
CA GLU A 155 -9.25 22.41 8.39
C GLU A 155 -10.46 23.35 8.52
N PRO A 156 -11.47 22.96 9.32
CA PRO A 156 -12.44 23.95 9.72
C PRO A 156 -11.76 25.01 10.62
N PRO A 157 -12.38 26.21 10.76
CA PRO A 157 -11.73 27.30 11.47
C PRO A 157 -11.44 26.99 12.97
N GLU A 158 -12.24 26.16 13.59
CA GLU A 158 -12.03 25.73 14.99
C GLU A 158 -11.11 24.50 15.13
N GLY A 159 -10.66 23.91 14.01
CA GLY A 159 -9.85 22.70 14.02
C GLY A 159 -10.66 21.43 14.20
N LEU A 160 -10.09 20.27 13.84
CA LEU A 160 -10.77 18.98 14.07
C LEU A 160 -10.64 18.62 15.59
N PRO A 161 -11.54 17.76 16.13
CA PRO A 161 -11.41 17.29 17.52
C PRO A 161 -10.07 16.56 17.76
N LYS A 162 -9.52 16.69 18.95
CA LYS A 162 -8.23 16.10 19.28
CA LYS A 162 -8.22 16.09 19.28
C LYS A 162 -8.34 14.57 19.30
N VAL A 163 -7.31 13.88 18.84
CA VAL A 163 -7.19 12.42 18.92
C VAL A 163 -5.77 12.07 19.36
N ASP A 164 -5.51 10.82 19.69
CA ASP A 164 -4.16 10.41 20.11
C ASP A 164 -3.17 10.21 18.94
N HIS A 165 -3.64 9.76 17.76
CA HIS A 165 -2.78 9.56 16.59
C HIS A 165 -3.48 9.99 15.31
N GLU A 166 -2.74 10.57 14.37
CA GLU A 166 -3.21 10.85 12.99
C GLU A 166 -2.28 10.21 11.97
N TYR A 167 -2.83 9.44 11.03
CA TYR A 167 -2.07 8.72 10.00
C TYR A 167 -2.60 8.98 8.58
N TYR A 168 -1.76 8.68 7.58
CA TYR A 168 -1.95 8.98 6.15
C TYR A 168 -1.79 7.70 5.34
N VAL A 169 -2.90 7.23 4.74
CA VAL A 169 -2.97 5.97 3.98
C VAL A 169 -3.68 6.23 2.64
N MET A 170 -3.06 5.85 1.53
CA MET A 170 -3.63 6.09 0.22
C MET A 170 -3.53 4.85 -0.67
N GLN A 171 -4.67 4.43 -1.19
CA GLN A 171 -4.75 3.30 -2.13
C GLN A 171 -4.42 3.73 -3.56
N GLY A 172 -3.76 2.84 -4.30
CA GLY A 172 -3.58 2.98 -5.75
C GLY A 172 -3.58 1.67 -6.51
N ASP A 173 -3.98 1.76 -7.79
CA ASP A 173 -3.87 0.61 -8.72
C ASP A 173 -2.68 0.83 -9.70
N PHE A 174 -1.88 -0.23 -9.92
CA PHE A 174 -0.63 -0.16 -10.71
C PHE A 174 -0.60 -1.21 -11.81
N TYR A 175 0.09 -0.86 -12.91
CA TYR A 175 0.03 -1.58 -14.18
C TYR A 175 1.45 -1.86 -14.70
N THR A 176 1.95 -3.06 -14.42
CA THR A 176 3.28 -3.52 -14.87
C THR A 176 3.19 -4.46 -16.08
N ALA A 177 4.22 -4.44 -16.96
CA ALA A 177 4.23 -5.37 -18.11
C ALA A 177 4.31 -6.83 -17.63
N GLY A 178 5.13 -7.08 -16.61
CA GLY A 178 5.20 -8.40 -16.00
C GLY A 178 4.04 -8.69 -15.04
N LYS A 179 3.92 -9.97 -14.69
CA LYS A 179 2.91 -10.42 -13.76
C LYS A 179 3.30 -10.08 -12.32
N TYR A 180 2.31 -10.20 -11.42
CA TYR A 180 2.52 -10.03 -9.98
C TYR A 180 3.75 -10.83 -9.49
N ARG A 181 4.68 -10.13 -8.84
CA ARG A 181 5.91 -10.69 -8.24
C ARG A 181 7.00 -11.21 -9.21
N GLU A 182 6.84 -10.94 -10.50
CA GLU A 182 7.89 -11.18 -11.49
CA GLU A 182 7.88 -11.19 -11.48
C GLU A 182 8.99 -10.16 -11.24
N LYS A 183 10.22 -10.64 -11.02
CA LYS A 183 11.36 -9.78 -10.62
C LYS A 183 11.94 -8.91 -11.74
N GLY A 184 12.61 -7.83 -11.37
CA GLY A 184 13.29 -6.92 -12.31
C GLY A 184 12.67 -5.54 -12.35
N LEU A 185 13.21 -4.67 -13.21
CA LEU A 185 12.65 -3.35 -13.49
C LEU A 185 11.43 -3.52 -14.43
N GLN A 186 10.25 -3.17 -13.93
CA GLN A 186 8.97 -3.39 -14.66
C GLN A 186 8.47 -2.11 -15.29
N PRO A 187 8.32 -2.08 -16.63
CA PRO A 187 7.75 -0.92 -17.30
C PRO A 187 6.25 -0.74 -17.00
N PHE A 188 5.78 0.49 -17.15
CA PHE A 188 4.35 0.80 -17.19
C PHE A 188 3.68 0.08 -18.40
N ASP A 189 2.50 -0.51 -18.19
CA ASP A 189 1.74 -1.20 -19.27
C ASP A 189 0.43 -0.46 -19.59
N MET A 190 0.45 0.33 -20.67
CA MET A 190 -0.71 1.10 -21.15
C MET A 190 -1.94 0.23 -21.46
N GLU A 191 -1.74 -0.96 -22.01
CA GLU A 191 -2.87 -1.84 -22.38
C GLU A 191 -3.67 -2.32 -21.15
N LYS A 192 -2.95 -2.79 -20.13
CA LYS A 192 -3.58 -3.19 -18.87
C LYS A 192 -4.32 -2.01 -18.21
N ALA A 193 -3.73 -0.81 -18.29
CA ALA A 193 -4.31 0.39 -17.69
C ALA A 193 -5.63 0.81 -18.35
N ILE A 194 -5.67 0.85 -19.67
CA ILE A 194 -6.91 1.14 -20.41
C ILE A 194 -8.05 0.14 -20.10
N ASP A 195 -7.67 -1.12 -19.93
CA ASP A 195 -8.60 -2.20 -19.60
CA ASP A 195 -8.58 -2.21 -19.62
C ASP A 195 -8.96 -2.28 -18.12
N GLU A 196 -8.36 -1.43 -17.28
CA GLU A 196 -8.59 -1.45 -15.83
C GLU A 196 -8.26 -2.84 -15.21
N ARG A 197 -7.12 -3.45 -15.61
CA ARG A 197 -6.69 -4.78 -15.16
CA ARG A 197 -6.70 -4.79 -15.14
CA ARG A 197 -6.72 -4.77 -15.10
C ARG A 197 -5.35 -4.66 -14.43
N PRO A 198 -5.35 -4.13 -13.19
CA PRO A 198 -4.03 -3.92 -12.53
C PRO A 198 -3.32 -5.20 -12.09
N SER A 199 -1.99 -5.15 -12.10
CA SER A 199 -1.15 -6.21 -11.56
C SER A 199 -0.91 -6.10 -10.05
N TYR A 200 -0.89 -4.87 -9.50
CA TYR A 200 -0.77 -4.62 -8.06
C TYR A 200 -1.84 -3.60 -7.64
N VAL A 201 -2.37 -3.75 -6.42
CA VAL A 201 -3.26 -2.79 -5.80
C VAL A 201 -2.70 -2.59 -4.38
N LEU A 202 -2.27 -1.38 -4.06
CA LEU A 202 -1.40 -1.15 -2.89
C LEU A 202 -1.86 0.02 -2.03
N PHE A 203 -1.45 -0.02 -0.75
CA PHE A 203 -1.42 1.13 0.11
C PHE A 203 0.01 1.71 0.18
N ASN A 204 0.12 3.03 -0.02
CA ASN A 204 1.39 3.75 0.14
C ASN A 204 2.54 3.17 -0.72
N GLY A 205 2.22 2.85 -1.97
CA GLY A 205 3.24 2.69 -3.00
C GLY A 205 4.05 1.42 -3.07
N ALA A 206 3.80 0.44 -2.20
CA ALA A 206 4.57 -0.81 -2.23
C ALA A 206 3.87 -1.93 -1.45
N GLU A 207 4.09 -3.18 -1.87
CA GLU A 207 3.73 -4.31 -1.02
C GLU A 207 4.50 -4.18 0.30
N GLY A 208 3.83 -4.47 1.42
CA GLY A 208 4.48 -4.41 2.74
C GLY A 208 4.79 -3.01 3.27
N ALA A 209 4.32 -1.95 2.59
CA ALA A 209 4.58 -0.57 3.05
C ALA A 209 4.11 -0.34 4.48
N LEU A 210 3.01 -0.99 4.86
CA LEU A 210 2.41 -0.85 6.18
C LEU A 210 2.14 -2.17 6.92
N THR A 211 2.96 -3.17 6.65
CA THR A 211 2.84 -4.46 7.35
C THR A 211 4.14 -4.79 8.14
N GLY A 212 4.02 -5.74 9.06
CA GLY A 212 5.21 -6.22 9.78
C GLY A 212 5.82 -5.13 10.65
N ASP A 213 7.15 -4.91 10.47
CA ASP A 213 7.86 -3.90 11.26
CA ASP A 213 7.88 -3.89 11.24
C ASP A 213 7.50 -2.45 10.85
N LYS A 214 6.75 -2.31 9.73
CA LYS A 214 6.26 -1.00 9.23
CA LYS A 214 6.26 -0.99 9.25
C LYS A 214 4.77 -0.73 9.53
N ALA A 215 4.16 -1.54 10.41
CA ALA A 215 2.79 -1.33 10.83
C ALA A 215 2.59 0.00 11.55
N LEU A 216 1.37 0.53 11.50
CA LEU A 216 0.97 1.68 12.32
C LEU A 216 0.72 1.20 13.78
N HIS A 217 0.92 2.06 14.78
CA HIS A 217 0.81 1.67 16.20
C HIS A 217 -0.21 2.51 16.98
N ALA A 218 -0.87 1.87 17.94
CA ALA A 218 -1.59 2.57 19.02
C ALA A 218 -1.78 1.61 20.23
N LYS A 219 -2.31 2.15 21.32
CA LYS A 219 -2.58 1.38 22.54
C LYS A 219 -4.07 1.26 22.85
N VAL A 220 -4.45 0.19 23.55
CA VAL A 220 -5.83 0.03 24.05
C VAL A 220 -6.31 1.30 24.74
N GLY A 221 -7.50 1.77 24.38
CA GLY A 221 -8.09 3.00 24.90
C GLY A 221 -7.85 4.25 24.05
N GLU A 222 -6.90 4.22 23.13
CA GLU A 222 -6.54 5.41 22.35
C GLU A 222 -7.44 5.56 21.12
N THR A 223 -7.60 6.82 20.67
CA THR A 223 -8.31 7.14 19.42
C THR A 223 -7.34 7.37 18.27
N VAL A 224 -7.70 6.87 17.09
CA VAL A 224 -6.87 6.98 15.89
C VAL A 224 -7.71 7.60 14.74
N ARG A 225 -7.22 8.69 14.15
CA ARG A 225 -7.78 9.26 12.91
C ARG A 225 -6.91 8.87 11.73
N ILE A 226 -7.54 8.33 10.67
CA ILE A 226 -6.82 8.07 9.44
C ILE A 226 -7.41 8.91 8.29
N PHE A 227 -6.53 9.67 7.62
CA PHE A 227 -6.83 10.36 6.38
C PHE A 227 -6.61 9.37 5.24
N VAL A 228 -7.71 8.94 4.61
CA VAL A 228 -7.69 7.85 3.62
C VAL A 228 -7.99 8.37 2.22
N GLY A 229 -7.03 8.20 1.32
CA GLY A 229 -7.22 8.59 -0.09
C GLY A 229 -7.32 7.39 -1.01
N ASN A 230 -7.96 7.60 -2.18
CA ASN A 230 -7.93 6.66 -3.28
C ASN A 230 -7.47 7.37 -4.54
N GLY A 231 -6.18 7.28 -4.86
CA GLY A 231 -5.63 7.92 -6.05
C GLY A 231 -6.06 7.27 -7.37
N GLY A 232 -6.59 6.04 -7.30
CA GLY A 232 -6.91 5.30 -8.52
C GLY A 232 -5.61 4.89 -9.23
N PRO A 233 -5.50 5.04 -10.56
CA PRO A 233 -6.42 5.83 -11.38
C PRO A 233 -7.85 5.32 -11.57
N ASN A 234 -8.04 3.98 -11.60
CA ASN A 234 -9.31 3.38 -12.06
C ASN A 234 -10.24 2.70 -11.02
N LEU A 235 -9.67 2.13 -9.95
CA LEU A 235 -10.48 1.29 -9.06
C LEU A 235 -11.23 2.07 -7.98
N VAL A 236 -12.36 1.51 -7.57
CA VAL A 236 -13.20 1.96 -6.44
C VAL A 236 -12.96 0.95 -5.28
N SER A 237 -12.59 1.46 -4.10
CA SER A 237 -12.24 0.58 -2.96
C SER A 237 -13.44 0.24 -2.08
N SER A 238 -13.68 -1.07 -1.86
CA SER A 238 -14.60 -1.53 -0.80
C SER A 238 -13.81 -1.53 0.53
N PHE A 239 -13.54 -0.34 1.04
CA PHE A 239 -12.56 -0.13 2.12
C PHE A 239 -13.12 -0.67 3.46
N HIS A 240 -12.32 -1.49 4.15
CA HIS A 240 -12.78 -2.32 5.27
C HIS A 240 -11.65 -2.48 6.30
N VAL A 241 -12.02 -2.52 7.59
CA VAL A 241 -11.08 -2.89 8.66
C VAL A 241 -11.44 -4.27 9.25
N ILE A 242 -10.53 -5.24 9.13
CA ILE A 242 -10.76 -6.58 9.68
C ILE A 242 -10.72 -6.57 11.21
N GLY A 243 -11.77 -7.07 11.85
CA GLY A 243 -11.80 -7.24 13.32
C GLY A 243 -12.10 -6.00 14.15
N ALA A 244 -12.57 -4.93 13.51
CA ALA A 244 -12.84 -3.66 14.15
C ALA A 244 -14.01 -2.93 13.47
N ILE A 245 -14.29 -1.71 13.92
CA ILE A 245 -15.37 -0.90 13.33
C ILE A 245 -14.95 0.56 13.31
N PHE A 246 -15.45 1.35 12.35
CA PHE A 246 -15.16 2.80 12.33
C PHE A 246 -16.22 3.57 13.15
N ASP A 247 -15.79 4.38 14.11
CA ASP A 247 -16.71 5.23 14.87
C ASP A 247 -17.38 6.26 13.94
N GLN A 248 -16.62 6.76 12.96
CA GLN A 248 -17.09 7.80 12.04
CA GLN A 248 -17.10 7.80 12.03
C GLN A 248 -16.39 7.66 10.69
N VAL A 249 -17.14 7.92 9.60
CA VAL A 249 -16.61 8.02 8.24
C VAL A 249 -17.18 9.32 7.58
N ARG A 250 -16.31 10.22 7.13
CA ARG A 250 -16.75 11.48 6.48
C ARG A 250 -15.99 11.71 5.16
N TYR A 251 -16.74 11.89 4.06
CA TYR A 251 -16.17 12.07 2.73
C TYR A 251 -15.89 13.56 2.45
N GLU A 252 -14.69 13.86 1.92
CA GLU A 252 -14.32 15.20 1.44
C GLU A 252 -14.68 16.27 2.46
N GLY A 253 -15.46 17.29 2.07
CA GLY A 253 -16.00 18.30 2.96
C GLY A 253 -17.49 18.18 3.20
N GLY A 254 -18.03 16.97 3.03
CA GLY A 254 -19.48 16.76 3.10
C GLY A 254 -20.13 17.04 4.46
N THR A 255 -21.42 17.43 4.42
CA THR A 255 -22.17 17.63 5.64
C THR A 255 -22.57 16.30 6.29
N ASN A 256 -22.81 15.25 5.51
CA ASN A 256 -23.17 13.94 6.06
C ASN A 256 -21.99 13.23 6.71
N VAL A 257 -22.23 12.61 7.86
CA VAL A 257 -21.26 11.79 8.53
C VAL A 257 -21.94 10.45 8.83
N GLN A 258 -21.34 9.33 8.40
CA GLN A 258 -21.81 8.00 8.77
C GLN A 258 -21.07 7.53 10.06
N LYS A 259 -21.78 6.85 10.96
CA LYS A 259 -21.19 6.31 12.17
C LYS A 259 -21.48 4.83 12.33
N ASN A 260 -20.53 4.11 12.92
CA ASN A 260 -20.65 2.67 13.25
CA ASN A 260 -20.67 2.70 13.27
C ASN A 260 -20.77 1.77 12.05
N VAL A 261 -19.78 1.86 11.14
CA VAL A 261 -19.71 0.98 9.96
C VAL A 261 -18.34 0.37 9.82
N GLN A 262 -18.30 -0.80 9.18
CA GLN A 262 -17.04 -1.53 8.97
C GLN A 262 -16.55 -1.54 7.51
N THR A 263 -17.46 -1.31 6.56
CA THR A 263 -17.17 -1.42 5.14
C THR A 263 -17.72 -0.16 4.42
N THR A 264 -16.91 0.53 3.62
CA THR A 264 -17.37 1.81 3.02
C THR A 264 -16.74 2.04 1.62
N LEU A 265 -17.53 2.50 0.64
CA LEU A 265 -17.06 2.57 -0.75
C LEU A 265 -16.36 3.88 -1.03
N ILE A 266 -15.07 3.85 -1.42
CA ILE A 266 -14.36 5.09 -1.73
C ILE A 266 -14.19 5.24 -3.27
N PRO A 267 -14.77 6.31 -3.87
CA PRO A 267 -14.65 6.48 -5.35
C PRO A 267 -13.21 6.66 -5.80
N ALA A 268 -12.95 6.38 -7.08
CA ALA A 268 -11.68 6.73 -7.67
C ALA A 268 -11.53 8.26 -7.59
N GLY A 269 -10.41 8.74 -7.03
CA GLY A 269 -10.21 10.17 -6.78
C GLY A 269 -10.85 10.72 -5.53
N GLY A 270 -11.45 9.84 -4.72
CA GLY A 270 -12.11 10.24 -3.49
C GLY A 270 -11.20 10.20 -2.27
N ALA A 271 -11.67 10.81 -1.19
CA ALA A 271 -10.96 10.83 0.11
C ALA A 271 -11.96 10.87 1.23
N ALA A 272 -11.59 10.25 2.36
CA ALA A 272 -12.40 10.25 3.58
C ALA A 272 -11.51 10.37 4.83
N VAL A 273 -12.13 10.85 5.92
CA VAL A 273 -11.53 10.82 7.26
C VAL A 273 -12.27 9.75 8.06
N VAL A 274 -11.55 8.74 8.58
CA VAL A 274 -12.15 7.72 9.47
C VAL A 274 -11.54 7.81 10.88
N LYS A 275 -12.35 7.42 11.86
CA LYS A 275 -11.97 7.39 13.27
CA LYS A 275 -11.95 7.40 13.27
C LYS A 275 -12.22 6.01 13.86
N PHE A 276 -11.26 5.54 14.66
CA PHE A 276 -11.24 4.20 15.30
C PHE A 276 -10.85 4.41 16.80
N THR A 277 -11.45 3.63 17.70
CA THR A 277 -11.05 3.58 19.11
C THR A 277 -10.54 2.16 19.41
N ALA A 278 -9.30 2.03 19.88
CA ALA A 278 -8.72 0.70 20.15
C ALA A 278 -9.36 0.04 21.38
N ARG A 279 -9.84 -1.21 21.22
CA ARG A 279 -10.50 -1.91 22.34
CA ARG A 279 -10.58 -1.97 22.26
C ARG A 279 -9.83 -3.20 22.80
N VAL A 280 -9.18 -3.94 21.91
CA VAL A 280 -8.55 -5.23 22.17
C VAL A 280 -7.18 -5.28 21.48
N PRO A 281 -6.15 -5.88 22.13
CA PRO A 281 -4.86 -5.97 21.44
C PRO A 281 -4.86 -6.84 20.19
N GLY A 282 -3.85 -6.65 19.34
CA GLY A 282 -3.63 -7.47 18.12
C GLY A 282 -3.43 -6.66 16.84
N SER A 283 -3.40 -7.36 15.71
CA SER A 283 -3.23 -6.76 14.40
C SER A 283 -4.59 -6.58 13.68
N TYR A 284 -4.92 -5.34 13.32
CA TYR A 284 -6.18 -4.99 12.63
C TYR A 284 -5.83 -4.57 11.18
N VAL A 285 -6.52 -5.15 10.21
CA VAL A 285 -6.09 -5.10 8.80
C VAL A 285 -6.99 -4.19 7.96
N LEU A 286 -6.40 -3.16 7.35
CA LEU A 286 -7.10 -2.32 6.36
C LEU A 286 -6.97 -3.02 5.00
N VAL A 287 -8.09 -3.25 4.33
CA VAL A 287 -8.13 -3.90 3.01
C VAL A 287 -9.10 -3.24 2.02
N ASP A 288 -8.89 -3.52 0.73
CA ASP A 288 -9.96 -3.40 -0.29
C ASP A 288 -10.64 -4.76 -0.29
N HIS A 289 -11.90 -4.79 0.13
CA HIS A 289 -12.68 -6.04 0.27
C HIS A 289 -13.19 -6.64 -1.05
N SER A 290 -12.85 -6.05 -2.19
CA SER A 290 -12.82 -6.80 -3.46
C SER A 290 -11.56 -7.70 -3.30
N ILE A 291 -11.85 -8.90 -2.78
CA ILE A 291 -10.94 -9.69 -1.96
C ILE A 291 -9.63 -10.15 -2.66
N PHE A 292 -9.69 -10.41 -3.96
CA PHE A 292 -8.48 -10.79 -4.68
C PHE A 292 -7.46 -9.63 -4.71
N ARG A 293 -7.92 -8.39 -4.54
CA ARG A 293 -7.00 -7.24 -4.41
C ARG A 293 -6.22 -7.31 -3.10
N ALA A 294 -6.95 -7.57 -2.01
CA ALA A 294 -6.35 -7.66 -0.68
C ALA A 294 -5.38 -8.83 -0.51
N PHE A 295 -5.73 -9.99 -1.07
CA PHE A 295 -4.96 -11.22 -0.80
C PHE A 295 -4.13 -11.77 -1.96
N ASN A 296 -4.32 -11.25 -3.17
CA ASN A 296 -3.51 -11.62 -4.33
C ASN A 296 -2.73 -10.47 -4.99
N LYS A 297 -3.01 -9.20 -4.66
CA LYS A 297 -2.36 -8.08 -5.34
C LYS A 297 -1.66 -7.05 -4.44
N GLY A 298 -1.65 -7.26 -3.11
CA GLY A 298 -0.96 -6.41 -2.15
C GLY A 298 -1.75 -5.42 -1.30
N ALA A 299 -3.09 -5.45 -1.39
CA ALA A 299 -3.92 -4.38 -0.78
C ALA A 299 -4.29 -4.69 0.70
N MET A 300 -3.23 -4.67 1.53
CA MET A 300 -3.36 -4.89 2.96
CA MET A 300 -3.26 -5.01 2.94
C MET A 300 -2.37 -4.02 3.72
N ALA A 301 -2.89 -3.39 4.78
CA ALA A 301 -2.10 -2.55 5.71
C ALA A 301 -2.48 -2.90 7.14
N ILE A 302 -1.59 -2.64 8.13
CA ILE A 302 -1.82 -3.10 9.52
C ILE A 302 -1.75 -1.96 10.56
N LEU A 303 -2.75 -1.95 11.45
CA LEU A 303 -2.69 -1.18 12.69
CA LEU A 303 -2.72 -1.19 12.70
C LEU A 303 -2.51 -2.18 13.84
N LYS A 304 -1.36 -2.09 14.53
CA LYS A 304 -1.03 -3.01 15.66
CA LYS A 304 -1.00 -2.99 15.63
C LYS A 304 -1.31 -2.33 16.98
N ILE A 305 -2.15 -2.97 17.79
CA ILE A 305 -2.59 -2.45 19.07
C ILE A 305 -1.94 -3.23 20.23
N ASP A 306 -1.29 -2.50 21.14
CA ASP A 306 -0.76 -3.12 22.35
CA ASP A 306 -0.66 -3.03 22.35
C ASP A 306 -1.49 -2.65 23.62
N GLY A 307 -1.40 -3.47 24.67
CA GLY A 307 -2.11 -3.24 25.93
C GLY A 307 -2.66 -4.54 26.51
N ALA A 308 -3.52 -4.40 27.52
CA ALA A 308 -4.07 -5.56 28.22
C ALA A 308 -5.14 -6.32 27.42
N GLU A 309 -5.20 -7.63 27.62
CA GLU A 309 -6.31 -8.45 27.10
C GLU A 309 -7.64 -8.09 27.80
N ASN A 310 -8.75 -8.33 27.10
CA ASN A 310 -10.09 -8.27 27.69
C ASN A 310 -10.83 -9.54 27.28
N LYS A 311 -10.65 -10.58 28.08
CA LYS A 311 -11.19 -11.89 27.79
C LYS A 311 -12.73 -11.93 27.76
N LEU A 312 -13.40 -10.99 28.41
CA LEU A 312 -14.87 -10.92 28.36
C LEU A 312 -15.37 -10.43 26.98
N VAL A 313 -14.52 -9.72 26.23
CA VAL A 313 -14.85 -9.21 24.90
C VAL A 313 -14.35 -10.14 23.80
N TYR A 314 -13.14 -10.68 23.94
CA TYR A 314 -12.59 -11.62 22.97
C TYR A 314 -11.64 -12.58 23.68
N SER A 315 -11.91 -13.87 23.57
CA SER A 315 -11.07 -14.91 24.14
C SER A 315 -10.82 -16.00 23.14
N GLY A 316 -9.57 -16.13 22.67
CA GLY A 316 -9.23 -17.20 21.70
C GLY A 316 -7.76 -17.25 21.30
N LYS A 317 -7.34 -18.27 20.56
CA LYS A 317 -5.89 -18.39 20.13
C LYS A 317 -5.52 -17.28 19.18
N GLU A 318 -4.23 -17.13 18.87
CA GLU A 318 -3.79 -16.07 17.93
C GLU A 318 -2.85 -16.54 16.80
N LEU A 319 -3.39 -17.34 15.88
N LEU A 319 -3.39 -17.34 15.88
CA LEU A 319 -2.69 -17.84 14.71
CA LEU A 319 -2.69 -17.84 14.71
C LEU A 319 -2.99 -17.00 13.45
C LEU A 319 -2.99 -17.00 13.45
N ASP A 320 -2.57 -15.75 13.45
CA ASP A 320 -2.90 -14.84 12.33
C ASP A 320 -2.15 -15.06 11.00
N SER A 321 -1.11 -15.92 10.98
CA SER A 321 -0.48 -16.31 9.71
C SER A 321 -1.39 -17.10 8.72
N VAL A 322 -2.48 -17.70 9.22
CA VAL A 322 -3.46 -18.41 8.35
CA VAL A 322 -3.37 -18.42 8.27
C VAL A 322 -4.05 -17.49 7.26
N TYR A 323 -4.24 -16.20 7.59
CA TYR A 323 -4.71 -15.20 6.57
C TYR A 323 -3.65 -14.13 6.20
N LEU A 324 -2.82 -13.66 7.16
CA LEU A 324 -1.74 -12.69 6.82
C LEU A 324 -0.64 -13.32 5.96
N GLY A 325 -0.50 -14.64 6.06
CA GLY A 325 0.38 -15.40 5.22
C GLY A 325 1.81 -14.91 5.33
N ASP A 326 2.43 -14.67 4.18
CA ASP A 326 3.83 -14.20 4.14
C ASP A 326 4.01 -12.74 4.65
N ARG A 327 2.93 -12.04 5.02
CA ARG A 327 3.03 -10.72 5.64
C ARG A 327 2.85 -10.71 7.17
N ALA A 328 2.73 -11.89 7.79
CA ALA A 328 2.75 -11.95 9.26
C ALA A 328 4.13 -11.64 9.86
N ALA A 329 5.18 -12.03 9.17
CA ALA A 329 6.57 -11.80 9.62
C ALA A 329 6.98 -10.32 9.60
N PRO A 330 8.10 -9.97 10.24
CA PRO A 330 8.53 -8.56 10.26
C PRO A 330 8.80 -7.97 8.86
N ASN A 331 9.32 -8.79 7.95
CA ASN A 331 9.58 -8.39 6.55
C ASN A 331 9.88 -9.64 5.70
N MET A 332 10.11 -9.45 4.40
CA MET A 332 10.54 -10.53 3.49
CA MET A 332 10.57 -10.54 3.51
C MET A 332 11.89 -10.14 2.86
N SER A 333 12.81 -9.62 3.68
CA SER A 333 14.10 -9.12 3.17
CA SER A 333 14.09 -9.13 3.17
C SER A 333 14.96 -10.22 2.53
N ALA A 334 14.77 -11.47 2.96
CA ALA A 334 15.47 -12.60 2.34
C ALA A 334 15.17 -12.70 0.83
N VAL A 335 13.94 -12.35 0.41
CA VAL A 335 13.58 -12.37 -1.00
C VAL A 335 14.31 -11.28 -1.78
N THR A 336 14.34 -10.08 -1.21
CA THR A 336 15.07 -8.94 -1.79
C THR A 336 16.56 -9.32 -2.01
N LYS A 337 17.14 -9.91 -0.98
CA LYS A 337 18.56 -10.31 -1.04
C LYS A 337 18.86 -11.42 -2.03
N ALA A 338 18.01 -12.45 -2.07
CA ALA A 338 18.19 -13.51 -3.06
C ALA A 338 18.08 -12.97 -4.48
N THR A 339 17.15 -12.02 -4.70
CA THR A 339 17.00 -11.42 -6.04
C THR A 339 18.25 -10.61 -6.45
N GLN A 340 18.81 -9.80 -5.54
CA GLN A 340 20.05 -9.06 -5.82
C GLN A 340 21.22 -10.04 -6.16
N ALA A 341 21.38 -11.07 -5.36
CA ALA A 341 22.45 -12.06 -5.59
C ALA A 341 22.29 -12.76 -6.93
N SER A 342 21.05 -13.07 -7.30
CA SER A 342 20.79 -13.69 -8.61
C SER A 342 21.19 -12.77 -9.77
N VAL A 343 20.87 -11.47 -9.67
CA VAL A 343 21.24 -10.50 -10.70
C VAL A 343 22.78 -10.42 -10.83
N SER A 344 23.47 -10.52 -9.70
CA SER A 344 24.95 -10.47 -9.60
C SER A 344 25.64 -11.77 -10.04
N GLY A 345 24.91 -12.88 -10.22
CA GLY A 345 25.51 -14.20 -10.46
C GLY A 345 26.18 -14.86 -9.23
N THR A 346 25.78 -14.47 -8.03
CA THR A 346 26.37 -14.95 -6.78
C THR A 346 25.37 -15.59 -5.81
N LEU A 347 24.27 -16.11 -6.36
CA LEU A 347 23.22 -16.73 -5.54
C LEU A 347 23.64 -18.06 -4.87
N THR A 348 23.65 -18.13 -3.55
CA THR A 348 24.01 -19.36 -2.85
C THR A 348 22.80 -20.21 -2.49
N VAL A 349 23.08 -21.45 -2.09
CA VAL A 349 22.02 -22.36 -1.63
C VAL A 349 21.31 -21.72 -0.43
N GLN A 350 22.07 -21.16 0.50
CA GLN A 350 21.49 -20.53 1.68
C GLN A 350 20.62 -19.29 1.35
N ASP A 351 21.03 -18.51 0.35
CA ASP A 351 20.21 -17.38 -0.17
C ASP A 351 18.81 -17.91 -0.57
N GLN A 352 18.79 -19.04 -1.28
CA GLN A 352 17.52 -19.65 -1.73
C GLN A 352 16.72 -20.18 -0.56
N VAL A 353 17.40 -20.86 0.37
CA VAL A 353 16.74 -21.41 1.55
C VAL A 353 16.00 -20.33 2.35
N GLN A 354 16.64 -19.20 2.61
CA GLN A 354 16.01 -18.17 3.41
C GLN A 354 14.85 -17.45 2.67
N ALA A 355 14.99 -17.26 1.35
CA ALA A 355 13.91 -16.71 0.53
C ALA A 355 12.71 -17.67 0.53
N GLY A 356 13.01 -18.96 0.34
CA GLY A 356 11.99 -20.00 0.41
C GLY A 356 11.26 -20.06 1.73
N ARG A 357 12.00 -19.95 2.84
CA ARG A 357 11.40 -19.89 4.17
C ARG A 357 10.34 -18.75 4.28
N ALA A 358 10.70 -17.56 3.81
CA ALA A 358 9.78 -16.40 3.86
C ALA A 358 8.48 -16.67 3.04
N LEU A 359 8.63 -17.23 1.85
CA LEU A 359 7.50 -17.50 0.96
C LEU A 359 6.61 -18.67 1.36
N PHE A 360 7.17 -19.62 2.12
CA PHE A 360 6.45 -20.83 2.56
C PHE A 360 5.32 -20.54 3.53
N ALA A 361 5.48 -19.49 4.34
CA ALA A 361 4.42 -19.00 5.27
C ALA A 361 3.09 -18.67 4.55
N GLY A 362 2.00 -19.26 5.03
CA GLY A 362 0.69 -19.20 4.33
C GLY A 362 0.59 -20.10 3.10
N THR A 363 1.31 -19.72 2.04
CA THR A 363 1.38 -20.45 0.77
C THR A 363 1.44 -22.00 0.84
N CYS A 364 2.27 -22.54 1.72
CA CYS A 364 2.40 -24.01 1.96
C CYS A 364 2.04 -24.41 3.39
N SER A 365 2.38 -23.57 4.37
CA SER A 365 2.24 -23.91 5.79
C SER A 365 0.81 -24.15 6.25
N VAL A 366 -0.19 -23.56 5.58
CA VAL A 366 -1.58 -23.71 6.00
CA VAL A 366 -1.60 -23.72 5.97
C VAL A 366 -2.01 -25.19 5.98
N CYS A 367 -1.51 -25.97 5.03
CA CYS A 367 -1.79 -27.42 4.98
C CYS A 367 -0.63 -28.31 5.52
N HIS A 368 0.62 -28.02 5.14
CA HIS A 368 1.75 -28.89 5.52
C HIS A 368 2.37 -28.58 6.88
N GLN A 369 1.89 -27.49 7.52
CA GLN A 369 2.39 -26.96 8.79
C GLN A 369 3.71 -26.21 8.68
N GLY A 370 3.97 -25.36 9.67
CA GLY A 370 5.23 -24.60 9.71
C GLY A 370 6.47 -25.48 9.87
N ASN A 371 6.29 -26.65 10.46
CA ASN A 371 7.36 -27.66 10.62
C ASN A 371 7.32 -28.79 9.60
N GLY A 372 6.45 -28.71 8.59
CA GLY A 372 6.42 -29.73 7.54
C GLY A 372 5.83 -31.08 7.93
N ALA A 373 5.28 -31.20 9.13
CA ALA A 373 4.80 -32.50 9.62
C ALA A 373 3.46 -32.90 9.01
N GLY A 374 2.70 -31.93 8.52
CA GLY A 374 1.35 -32.21 8.01
C GLY A 374 0.44 -32.69 9.13
N LEU A 375 -0.50 -33.55 8.77
CA LEU A 375 -1.46 -34.08 9.71
C LEU A 375 -1.80 -35.50 9.25
N PRO A 376 -1.43 -36.54 10.03
CA PRO A 376 -1.54 -37.92 9.55
C PRO A 376 -2.88 -38.31 8.92
N GLY A 377 -2.84 -38.82 7.69
CA GLY A 377 -4.04 -39.19 6.92
C GLY A 377 -4.79 -38.06 6.20
N VAL A 378 -4.46 -36.80 6.51
CA VAL A 378 -5.19 -35.63 5.97
C VAL A 378 -4.27 -34.79 5.06
N PHE A 379 -3.16 -34.32 5.61
CA PHE A 379 -2.13 -33.64 4.83
C PHE A 379 -0.77 -34.37 4.98
N PRO A 380 -0.19 -34.82 3.86
CA PRO A 380 1.05 -35.60 3.99
C PRO A 380 2.25 -34.73 4.38
N PRO A 381 3.25 -35.34 5.05
CA PRO A 381 4.41 -34.58 5.52
C PRO A 381 5.36 -34.20 4.39
N LEU A 382 5.97 -33.03 4.51
CA LEU A 382 7.16 -32.69 3.73
C LEU A 382 8.46 -33.00 4.54
N ALA A 383 8.36 -32.98 5.87
CA ALA A 383 9.50 -33.37 6.76
C ALA A 383 9.89 -34.83 6.52
N LYS A 384 11.15 -35.04 6.14
CA LYS A 384 11.72 -36.38 5.89
C LYS A 384 10.79 -37.21 5.00
N SER A 385 10.39 -36.62 3.88
CA SER A 385 9.36 -37.22 3.02
C SER A 385 9.98 -38.19 2.04
N ASP A 386 9.63 -39.47 2.17
CA ASP A 386 10.11 -40.49 1.23
C ASP A 386 9.61 -40.26 -0.18
N PHE A 387 8.36 -39.80 -0.32
CA PHE A 387 7.75 -39.48 -1.63
C PHE A 387 8.54 -38.38 -2.36
N LEU A 388 8.97 -37.37 -1.59
CA LEU A 388 9.79 -36.27 -2.13
C LEU A 388 11.17 -36.78 -2.55
N ALA A 389 11.85 -37.49 -1.64
CA ALA A 389 13.19 -38.04 -1.93
C ALA A 389 13.21 -39.02 -3.11
N ALA A 390 12.13 -39.78 -3.28
CA ALA A 390 12.00 -40.72 -4.41
C ALA A 390 12.09 -40.09 -5.79
N ASP A 391 11.73 -38.81 -5.92
CA ASP A 391 11.76 -38.10 -7.22
C ASP A 391 11.67 -36.58 -6.95
N PRO A 392 12.74 -35.99 -6.40
CA PRO A 392 12.66 -34.57 -5.99
C PRO A 392 12.27 -33.61 -7.13
N LYS A 393 12.61 -33.95 -8.38
CA LYS A 393 12.18 -33.16 -9.54
C LYS A 393 10.66 -33.08 -9.75
N ARG A 394 9.94 -34.17 -9.44
CA ARG A 394 8.46 -34.22 -9.57
C ARG A 394 7.75 -33.16 -8.69
N ALA A 395 8.43 -32.72 -7.63
CA ALA A 395 7.96 -31.63 -6.79
C ALA A 395 7.65 -30.33 -7.58
N MET A 396 8.41 -30.05 -8.64
CA MET A 396 8.17 -28.89 -9.48
C MET A 396 6.79 -28.96 -10.14
N ASN A 397 6.47 -30.10 -10.74
CA ASN A 397 5.14 -30.31 -11.34
C ASN A 397 4.00 -30.28 -10.33
N ILE A 398 4.25 -30.79 -9.14
CA ILE A 398 3.26 -30.80 -8.07
C ILE A 398 2.88 -29.33 -7.65
N VAL A 399 3.88 -28.48 -7.49
CA VAL A 399 3.64 -27.06 -7.16
C VAL A 399 2.92 -26.37 -8.32
N LEU A 400 3.44 -26.48 -9.53
CA LEU A 400 2.85 -25.80 -10.70
C LEU A 400 1.45 -26.31 -11.06
N HIS A 401 1.27 -27.63 -11.08
CA HIS A 401 0.04 -28.21 -11.64
C HIS A 401 -0.85 -28.98 -10.66
N GLY A 402 -0.45 -29.03 -9.38
CA GLY A 402 -1.27 -29.69 -8.37
C GLY A 402 -1.03 -31.19 -8.33
N LEU A 403 -1.71 -31.86 -7.38
CA LEU A 403 -1.64 -33.32 -7.23
C LEU A 403 -2.95 -33.84 -6.67
N ASN A 404 -3.51 -34.87 -7.31
CA ASN A 404 -4.67 -35.59 -6.74
C ASN A 404 -4.60 -37.12 -6.94
N GLY A 405 -5.44 -37.83 -6.21
CA GLY A 405 -5.49 -39.29 -6.25
C GLY A 405 -4.78 -39.96 -5.09
N LYS A 406 -4.78 -41.29 -5.12
CA LYS A 406 -4.19 -42.11 -4.06
C LYS A 406 -2.67 -42.07 -4.17
N ILE A 407 -2.02 -41.75 -3.06
CA ILE A 407 -0.56 -41.83 -2.94
C ILE A 407 -0.25 -42.37 -1.56
N LYS A 408 1.00 -42.80 -1.36
CA LYS A 408 1.50 -43.22 -0.04
C LYS A 408 2.73 -42.41 0.30
N VAL A 409 2.82 -41.99 1.55
CA VAL A 409 3.90 -41.15 2.02
C VAL A 409 4.21 -41.55 3.44
N ASN A 410 5.50 -41.82 3.70
CA ASN A 410 6.00 -42.37 4.95
C ASN A 410 5.09 -43.46 5.58
N GLY A 411 4.79 -44.45 4.76
CA GLY A 411 3.98 -45.60 5.16
C GLY A 411 2.52 -45.31 5.51
N GLN A 412 1.93 -44.31 4.84
CA GLN A 412 0.55 -43.89 5.14
C GLN A 412 -0.19 -43.49 3.85
N GLU A 413 -1.46 -43.88 3.75
CA GLU A 413 -2.24 -43.65 2.54
C GLU A 413 -2.90 -42.25 2.61
N TYR A 414 -2.96 -41.58 1.45
CA TYR A 414 -3.65 -40.27 1.27
C TYR A 414 -4.49 -40.36 0.00
N ASP A 415 -5.70 -39.77 0.02
CA ASP A 415 -6.51 -39.68 -1.19
C ASP A 415 -7.23 -38.32 -1.19
N SER A 416 -6.52 -37.28 -1.60
CA SER A 416 -6.98 -35.90 -1.43
C SER A 416 -6.57 -35.05 -2.62
N VAL A 417 -6.62 -33.71 -2.46
CA VAL A 417 -6.42 -32.77 -3.57
C VAL A 417 -5.57 -31.58 -3.13
N MET A 418 -4.45 -31.38 -3.81
CA MET A 418 -3.59 -30.20 -3.66
C MET A 418 -3.83 -29.37 -4.90
N PRO A 419 -4.41 -28.14 -4.74
CA PRO A 419 -4.67 -27.31 -5.93
C PRO A 419 -3.40 -26.86 -6.65
N PRO A 420 -3.47 -26.62 -7.97
CA PRO A 420 -2.34 -26.04 -8.69
C PRO A 420 -1.98 -24.61 -8.17
N MET A 421 -0.74 -24.19 -8.39
CA MET A 421 -0.24 -22.86 -7.90
C MET A 421 0.62 -22.22 -9.02
N THR A 422 0.05 -22.17 -10.22
CA THR A 422 0.70 -21.72 -11.44
CA THR A 422 0.79 -21.71 -11.43
C THR A 422 1.10 -20.22 -11.43
N GLN A 423 0.43 -19.45 -10.57
CA GLN A 423 0.66 -18.02 -10.42
CA GLN A 423 0.69 -18.01 -10.47
C GLN A 423 2.05 -17.72 -9.80
N LEU A 424 2.58 -18.67 -9.05
CA LEU A 424 3.95 -18.53 -8.53
C LEU A 424 4.94 -18.36 -9.67
N ASN A 425 5.92 -17.46 -9.52
CA ASN A 425 6.96 -17.25 -10.55
C ASN A 425 8.08 -18.32 -10.42
N ASP A 426 8.88 -18.48 -11.47
CA ASP A 426 9.95 -19.54 -11.51
C ASP A 426 10.91 -19.48 -10.32
N ASP A 427 11.34 -18.26 -9.95
CA ASP A 427 12.25 -18.07 -8.79
C ASP A 427 11.57 -18.43 -7.47
N GLU A 428 10.26 -18.18 -7.37
CA GLU A 428 9.54 -18.48 -6.14
C GLU A 428 9.40 -19.99 -5.92
N VAL A 429 9.04 -20.71 -6.98
CA VAL A 429 8.93 -22.17 -6.90
C VAL A 429 10.31 -22.78 -6.56
N ALA A 430 11.34 -22.33 -7.27
CA ALA A 430 12.73 -22.79 -7.03
C ALA A 430 13.19 -22.54 -5.60
N ASN A 431 12.94 -21.33 -5.09
CA ASN A 431 13.36 -21.01 -3.73
C ASN A 431 12.60 -21.78 -2.68
N ILE A 432 11.28 -21.89 -2.84
CA ILE A 432 10.46 -22.68 -1.90
C ILE A 432 10.93 -24.15 -1.82
N LEU A 433 11.08 -24.79 -2.97
CA LEU A 433 11.52 -26.19 -3.01
C LEU A 433 12.96 -26.37 -2.44
N THR A 434 13.86 -25.42 -2.72
CA THR A 434 15.23 -25.46 -2.13
C THR A 434 15.16 -25.40 -0.59
N TYR A 435 14.28 -24.54 -0.06
CA TYR A 435 14.02 -24.49 1.39
C TYR A 435 13.60 -25.85 1.95
N VAL A 436 12.64 -26.49 1.26
CA VAL A 436 12.08 -27.77 1.68
C VAL A 436 13.18 -28.90 1.64
N LEU A 437 13.91 -28.96 0.53
CA LEU A 437 15.03 -29.94 0.40
C LEU A 437 16.12 -29.82 1.46
N ASN A 438 16.35 -28.62 1.98
CA ASN A 438 17.38 -28.36 2.99
C ASN A 438 16.86 -28.20 4.40
N SER A 439 15.64 -28.69 4.68
CA SER A 439 15.08 -28.65 6.03
C SER A 439 14.62 -30.07 6.42
N TRP A 440 14.47 -30.27 7.72
CA TRP A 440 13.78 -31.46 8.26
C TRP A 440 14.42 -32.80 7.81
N ASP A 441 15.75 -32.81 7.66
CA ASP A 441 16.52 -33.99 7.21
C ASP A 441 16.19 -34.52 5.83
N ASN A 442 15.73 -33.62 4.96
CA ASN A 442 15.53 -33.98 3.56
C ASN A 442 16.90 -34.03 2.86
N PRO A 443 16.99 -34.56 1.64
CA PRO A 443 18.30 -34.83 1.02
C PRO A 443 19.24 -33.66 0.70
N GLY A 444 18.74 -32.42 0.67
CA GLY A 444 19.54 -31.28 0.23
C GLY A 444 19.54 -31.14 -1.27
N GLY A 445 20.53 -30.41 -1.78
CA GLY A 445 20.59 -30.00 -3.18
C GLY A 445 19.80 -28.69 -3.38
N ARG A 446 19.53 -28.36 -4.63
CA ARG A 446 18.83 -27.13 -4.96
C ARG A 446 18.04 -27.27 -6.25
N VAL A 447 17.03 -26.41 -6.41
CA VAL A 447 16.25 -26.26 -7.64
C VAL A 447 16.47 -24.82 -8.12
N SER A 448 16.68 -24.66 -9.42
CA SER A 448 16.95 -23.35 -10.00
C SER A 448 15.70 -22.81 -10.71
N ALA A 449 15.67 -21.49 -10.92
CA ALA A 449 14.61 -20.85 -11.72
C ALA A 449 14.55 -21.43 -13.15
N GLU A 450 15.73 -21.70 -13.74
CA GLU A 450 15.78 -22.28 -15.09
CA GLU A 450 15.83 -22.32 -15.07
C GLU A 450 15.18 -23.70 -15.12
N ASP A 451 15.40 -24.51 -14.07
CA ASP A 451 14.77 -25.84 -13.98
C ASP A 451 13.24 -25.70 -14.06
N VAL A 452 12.68 -24.72 -13.32
CA VAL A 452 11.23 -24.55 -13.24
C VAL A 452 10.71 -24.03 -14.57
N LYS A 453 11.44 -23.12 -15.20
CA LYS A 453 11.06 -22.60 -16.51
C LYS A 453 10.86 -23.73 -17.55
N LYS A 454 11.78 -24.69 -17.55
CA LYS A 454 11.73 -25.86 -18.44
C LYS A 454 10.49 -26.71 -18.18
N VAL A 455 10.21 -26.98 -16.90
CA VAL A 455 9.04 -27.78 -16.53
C VAL A 455 7.73 -27.06 -16.88
N ARG A 456 7.64 -25.75 -16.57
CA ARG A 456 6.45 -24.96 -16.91
C ARG A 456 6.17 -25.01 -18.42
N ALA A 457 7.22 -25.01 -19.26
CA ALA A 457 7.05 -25.03 -20.73
C ALA A 457 6.66 -26.39 -21.34
N GLN A 458 6.74 -27.50 -20.57
CA GLN A 458 6.32 -28.84 -21.04
C GLN A 458 4.81 -28.96 -21.25
N PRO A 459 4.40 -29.58 -22.39
CA PRO A 459 2.96 -29.65 -22.71
C PRO A 459 2.22 -30.59 -21.79
CU CU B . 2.97 14.42 -14.09
CU CU C . -9.08 14.75 -10.08
FE HEC D . 1.08 -29.90 -0.93
CHA HEC D . 1.08 -33.21 -1.71
CHB HEC D . 4.47 -29.70 -1.53
CHC HEC D . 0.89 -26.44 -0.73
CHD HEC D . -2.13 -30.12 0.25
NA HEC D . 2.52 -31.22 -1.50
C1A HEC D . 2.30 -32.55 -1.78
C2A HEC D . 3.57 -33.17 -2.09
C3A HEC D . 4.51 -32.17 -2.02
C4A HEC D . 3.85 -30.94 -1.69
CMA HEC D . 6.00 -32.28 -2.28
CAA HEC D . 3.81 -34.64 -2.41
CBA HEC D . 3.63 -35.54 -1.17
CGA HEC D . 4.61 -35.32 -0.05
O1A HEC D . 4.24 -35.23 1.16
O2A HEC D . 5.84 -35.24 -0.33
NB HEC D . 2.47 -28.34 -1.11
C1B HEC D . 3.79 -28.49 -1.33
C2B HEC D . 4.40 -27.18 -1.38
C3B HEC D . 3.41 -26.26 -1.14
C4B HEC D . 2.15 -27.02 -1.00
CMB HEC D . 5.88 -26.91 -1.59
CAB HEC D . 3.39 -24.78 -1.29
CBB HEC D . 4.07 -24.23 -2.32
NC HEC D . -0.38 -28.49 -0.32
C1C HEC D . -0.26 -27.14 -0.35
C2C HEC D . -1.47 -26.56 0.15
C3C HEC D . -2.34 -27.62 0.46
C4C HEC D . -1.62 -28.84 0.13
CMC HEC D . -1.74 -25.08 0.29
CAC HEC D . -3.78 -27.61 0.88
CBC HEC D . -4.68 -26.66 0.58
ND HEC D . -0.21 -31.32 -0.77
C1D HEC D . -1.48 -31.25 -0.25
C2D HEC D . -2.17 -32.56 -0.32
C3D HEC D . -1.30 -33.42 -0.90
C4D HEC D . -0.06 -32.63 -1.17
CMD HEC D . -3.58 -32.92 0.12
CAD HEC D . -1.61 -34.89 -1.17
CBD HEC D . -2.33 -35.03 -2.55
CGD HEC D . -3.02 -36.39 -2.80
O1D HEC D . -3.57 -37.02 -1.86
O2D HEC D . -3.08 -36.87 -3.97
N NO E . -9.79 15.67 -11.70
O NO E . -9.47 14.90 -12.61
#